data_5KZS
#
_entry.id   5KZS
#
_cell.length_a   157.776
_cell.length_b   157.776
_cell.length_c   36.280
_cell.angle_alpha   90.00
_cell.angle_beta   90.00
_cell.angle_gamma   90.00
#
_symmetry.space_group_name_H-M   'I 4'
#
loop_
_entity.id
_entity.type
_entity.pdbx_description
1 polymer 'Putative cell surface protein, similar to internalin proteins'
2 water water
#
_entity_poly.entity_id   1
_entity_poly.type   'polypeptide(L)'
_entity_poly.pdbx_seq_one_letter_code
;SNAASDLYPLPAPIIDVFPDEGLAKD(MSE)AKNLNKDSVNDVIDQDDLDALTGLGFETETITNDS(MSE)QLLERA
(MSE)FNNVNIVSV(MSE)EFGEDLTEFPDISTIPHLNTLFFNTPPEGVTRNLSLPDYQNYPE(MSE)VTIT(MSE)SGS
NLIGAIPDFTG(MSE)PDLSQLY(MSE)AD(MSE)(MSE)ITSDDVPDFHTIPKLSTLDLSHNQLTNLPDFQNLTNLAEL
NLSFNNLTNT(MSE)TNFTNLSNLNNLNLDYNHLNELPSNVLNSIFIENQSGTVPDQIIKQGETCTIQLPIYFQLAEIN
(MSE)LVNPTVLGSYSADIPVEVVTTTNADTESITLDTSELSPGVYNFNVQFNDAYPITQEGCVYDWVLTVN
;
_entity_poly.pdbx_strand_id   A
#
# COMPACT_ATOMS: atom_id res chain seq x y z
N SER A 5 37.78 7.16 11.15
CA SER A 5 36.41 7.54 10.67
C SER A 5 35.31 6.67 11.32
N ASP A 6 35.50 6.37 12.62
CA ASP A 6 34.71 5.39 13.41
C ASP A 6 35.10 3.93 13.18
N LEU A 7 35.87 3.63 12.13
CA LEU A 7 36.13 2.24 11.75
C LEU A 7 37.04 1.55 12.75
N TYR A 8 36.54 0.47 13.37
CA TYR A 8 37.32 -0.32 14.32
C TYR A 8 38.43 -1.03 13.55
N PRO A 9 39.62 -1.14 14.15
CA PRO A 9 40.70 -1.72 13.38
C PRO A 9 40.68 -3.24 13.50
N LEU A 10 41.06 -3.90 12.41
CA LEU A 10 40.95 -5.34 12.29
C LEU A 10 42.34 -5.92 12.16
N PRO A 11 42.57 -7.17 12.58
CA PRO A 11 41.54 -8.12 13.07
C PRO A 11 41.02 -7.84 14.48
N ALA A 12 39.85 -8.34 14.83
CA ALA A 12 39.31 -8.22 16.18
C ALA A 12 38.00 -9.01 16.37
N PRO A 13 37.65 -9.30 17.65
CA PRO A 13 36.42 -10.04 17.95
C PRO A 13 35.19 -9.35 17.43
N ILE A 14 34.16 -10.13 17.12
CA ILE A 14 32.89 -9.55 16.72
C ILE A 14 32.36 -8.66 17.85
N ILE A 15 32.20 -9.20 19.06
CA ILE A 15 31.65 -8.43 20.20
C ILE A 15 32.39 -7.08 20.48
N ASP A 16 33.67 -6.97 20.10
CA ASP A 16 34.42 -5.72 20.24
C ASP A 16 34.17 -4.74 19.10
N VAL A 17 34.06 -5.23 17.88
CA VAL A 17 33.65 -4.40 16.74
C VAL A 17 32.18 -3.94 16.92
N PHE A 18 31.32 -4.83 17.42
CA PHE A 18 29.89 -4.58 17.51
C PHE A 18 29.38 -4.72 18.96
N PRO A 19 29.75 -3.79 19.85
CA PRO A 19 29.52 -3.88 21.32
C PRO A 19 28.09 -3.86 21.88
N ASP A 20 27.20 -4.67 21.29
CA ASP A 20 25.84 -4.91 21.79
C ASP A 20 25.58 -6.39 21.57
N GLU A 21 25.06 -7.07 22.60
CA GLU A 21 24.82 -8.52 22.50
C GLU A 21 23.99 -8.84 21.28
N GLY A 22 22.80 -8.24 21.20
CA GLY A 22 21.87 -8.49 20.12
C GLY A 22 22.50 -8.37 18.74
N LEU A 23 23.18 -7.24 18.50
CA LEU A 23 23.72 -6.94 17.17
C LEU A 23 24.88 -7.84 16.82
N ALA A 24 25.68 -8.17 17.83
CA ALA A 24 26.84 -9.03 17.66
C ALA A 24 26.41 -10.45 17.31
N LYS A 25 25.41 -10.93 18.05
CA LYS A 25 24.82 -12.23 17.80
C LYS A 25 24.38 -12.32 16.33
N ASP A 26 23.62 -11.34 15.88
CA ASP A 26 23.15 -11.31 14.48
C ASP A 26 24.31 -11.19 13.50
N MSE A 27 25.28 -10.38 13.84
CA MSE A 27 26.46 -10.21 12.99
C MSE A 27 27.29 -11.47 12.91
O MSE A 27 27.90 -11.77 11.88
CB MSE A 27 27.30 -9.01 13.45
CG MSE A 27 26.68 -7.66 13.05
SE MSE A 27 26.52 -7.44 11.10
CE MSE A 27 28.05 -8.43 10.35
N ALA A 28 27.31 -12.24 14.00
CA ALA A 28 27.98 -13.55 14.02
C ALA A 28 27.35 -14.47 13.01
N LYS A 29 26.01 -14.54 13.10
CA LYS A 29 25.22 -15.30 12.14
C LYS A 29 25.41 -14.81 10.71
N ASN A 30 25.43 -13.50 10.49
CA ASN A 30 25.64 -12.97 9.13
C ASN A 30 27.01 -13.35 8.52
N LEU A 31 28.02 -13.47 9.38
CA LEU A 31 29.41 -13.79 8.99
C LEU A 31 29.73 -15.28 9.07
N ASN A 32 28.76 -16.07 9.53
CA ASN A 32 28.88 -17.51 9.65
C ASN A 32 29.95 -17.89 10.67
N LYS A 33 29.86 -17.27 11.85
CA LYS A 33 30.77 -17.53 12.94
C LYS A 33 29.97 -18.02 14.13
N ASP A 34 30.49 -19.00 14.86
CA ASP A 34 29.77 -19.65 15.96
C ASP A 34 29.64 -18.78 17.21
N SER A 35 30.61 -17.88 17.39
CA SER A 35 30.75 -17.15 18.62
C SER A 35 30.90 -15.67 18.33
N VAL A 36 30.36 -14.84 19.22
CA VAL A 36 30.60 -13.39 19.16
C VAL A 36 32.07 -13.05 19.50
N ASN A 37 32.79 -14.00 20.10
CA ASN A 37 34.21 -13.83 20.39
C ASN A 37 35.11 -14.21 19.22
N ASP A 38 34.52 -14.75 18.14
CA ASP A 38 35.31 -15.10 16.97
C ASP A 38 35.87 -13.88 16.27
N VAL A 39 37.13 -14.00 15.89
CA VAL A 39 37.87 -12.92 15.29
C VAL A 39 37.52 -12.79 13.82
N ILE A 40 37.27 -11.54 13.40
CA ILE A 40 37.01 -11.22 12.00
C ILE A 40 38.03 -10.27 11.45
N ASP A 41 38.25 -10.37 10.15
CA ASP A 41 39.13 -9.47 9.42
C ASP A 41 38.30 -8.78 8.33
N GLN A 42 38.96 -7.91 7.56
CA GLN A 42 38.29 -7.16 6.50
C GLN A 42 37.76 -8.07 5.37
N ASP A 43 38.53 -9.09 5.00
CA ASP A 43 38.07 -10.07 4.00
C ASP A 43 36.73 -10.71 4.36
N ASP A 44 36.53 -11.00 5.64
CA ASP A 44 35.26 -11.57 6.14
C ASP A 44 34.06 -10.67 5.88
N LEU A 45 34.27 -9.37 6.01
CA LEU A 45 33.25 -8.38 5.69
C LEU A 45 33.12 -8.18 4.18
N ASP A 46 34.24 -8.18 3.45
CA ASP A 46 34.22 -8.04 1.98
C ASP A 46 33.45 -9.17 1.28
N ALA A 47 33.43 -10.36 1.89
CA ALA A 47 32.63 -11.46 1.37
C ALA A 47 31.12 -11.33 1.60
N LEU A 48 30.69 -10.48 2.53
CA LEU A 48 29.25 -10.30 2.78
C LEU A 48 28.56 -9.55 1.64
N THR A 49 27.40 -10.06 1.21
CA THR A 49 26.50 -9.34 0.28
C THR A 49 25.12 -8.99 0.89
N GLY A 50 24.83 -9.48 2.09
CA GLY A 50 23.55 -9.23 2.75
C GLY A 50 23.67 -9.26 4.26
N LEU A 51 22.82 -8.52 4.94
CA LEU A 51 22.81 -8.46 6.40
C LEU A 51 21.40 -8.67 6.92
N GLY A 52 21.17 -9.75 7.65
CA GLY A 52 19.89 -9.98 8.33
C GLY A 52 19.97 -9.61 9.79
N PHE A 53 18.83 -9.24 10.39
CA PHE A 53 18.75 -8.92 11.82
C PHE A 53 17.45 -9.44 12.36
N GLU A 54 17.51 -10.02 13.56
CA GLU A 54 16.33 -10.65 14.16
C GLU A 54 16.20 -10.54 15.69
N THR A 55 17.26 -10.17 16.38
CA THR A 55 17.23 -10.11 17.84
C THR A 55 16.54 -8.83 18.26
N GLU A 56 15.49 -8.97 19.07
CA GLU A 56 14.59 -7.85 19.35
C GLU A 56 15.10 -6.82 20.38
N THR A 57 16.28 -7.06 20.95
CA THR A 57 16.92 -6.09 21.85
C THR A 57 17.67 -4.96 21.12
N ILE A 58 17.89 -5.12 19.81
CA ILE A 58 18.58 -4.11 19.00
C ILE A 58 17.71 -2.87 19.01
N THR A 59 18.31 -1.72 19.30
CA THR A 59 17.66 -0.40 19.26
C THR A 59 18.24 0.43 18.12
N ASN A 60 17.67 1.62 17.91
CA ASN A 60 18.19 2.60 16.95
C ASN A 60 19.65 2.95 17.24
N ASP A 61 19.97 3.06 18.53
CA ASP A 61 21.32 3.36 18.98
C ASP A 61 22.27 2.17 18.73
N SER A 62 21.90 0.98 19.19
CA SER A 62 22.72 -0.22 18.93
C SER A 62 23.01 -0.39 17.44
N MSE A 63 21.98 -0.26 16.61
CA MSE A 63 22.11 -0.47 15.16
C MSE A 63 23.05 0.50 14.49
O MSE A 63 23.62 0.18 13.43
CB MSE A 63 20.72 -0.44 14.54
CG MSE A 63 20.63 -0.91 13.09
SE MSE A 63 20.77 -2.88 12.95
CE MSE A 63 18.82 -3.19 12.94
N GLN A 64 23.24 1.68 15.08
CA GLN A 64 24.27 2.63 14.61
C GLN A 64 25.70 2.11 14.71
N LEU A 65 25.93 1.15 15.60
CA LEU A 65 27.27 0.61 15.78
C LEU A 65 27.80 0.00 14.47
N LEU A 66 26.91 -0.29 13.53
CA LEU A 66 27.27 -0.77 12.20
C LEU A 66 28.22 0.13 11.41
N GLU A 67 28.28 1.42 11.72
CA GLU A 67 29.28 2.25 11.06
C GLU A 67 30.70 2.09 11.62
N ARG A 68 30.90 1.14 12.53
CA ARG A 68 32.23 0.72 12.98
C ARG A 68 32.88 -0.31 12.05
N ALA A 69 32.20 -0.78 11.00
CA ALA A 69 32.81 -1.68 10.02
C ALA A 69 32.44 -1.28 8.61
N MSE A 70 33.35 -1.47 7.65
CA MSE A 70 33.10 -1.14 6.24
C MSE A 70 32.48 -2.32 5.56
O MSE A 70 33.09 -3.40 5.51
CB MSE A 70 34.40 -0.76 5.52
CG MSE A 70 34.22 -0.22 4.10
SE MSE A 70 32.98 1.34 3.99
CE MSE A 70 33.75 2.31 2.44
N PHE A 71 31.27 -2.15 5.05
CA PHE A 71 30.56 -3.18 4.28
C PHE A 71 30.60 -2.82 2.80
N ASN A 72 31.72 -3.14 2.14
CA ASN A 72 31.95 -2.75 0.74
C ASN A 72 30.96 -3.35 -0.27
N ASN A 73 30.52 -4.59 -0.04
CA ASN A 73 29.77 -5.35 -1.04
C ASN A 73 28.35 -5.74 -0.62
N VAL A 74 27.91 -5.32 0.58
CA VAL A 74 26.52 -5.54 1.01
C VAL A 74 25.64 -4.73 0.09
N ASN A 75 24.66 -5.37 -0.53
CA ASN A 75 23.66 -4.68 -1.35
C ASN A 75 22.25 -4.90 -0.84
N ILE A 76 22.09 -5.52 0.33
CA ILE A 76 20.77 -5.72 0.90
C ILE A 76 20.79 -5.88 2.42
N VAL A 77 19.78 -5.32 3.07
CA VAL A 77 19.62 -5.37 4.51
C VAL A 77 18.19 -5.79 4.79
N SER A 78 18.02 -6.79 5.66
CA SER A 78 16.72 -7.38 5.93
C SER A 78 16.45 -7.52 7.43
N VAL A 79 15.54 -6.70 7.94
CA VAL A 79 15.16 -6.71 9.34
C VAL A 79 14.00 -7.68 9.48
N MSE A 80 14.31 -8.96 9.72
CA MSE A 80 13.30 -10.02 9.75
C MSE A 80 12.45 -9.98 10.98
O MSE A 80 11.28 -10.30 10.91
CB MSE A 80 13.96 -11.39 9.63
CG MSE A 80 14.61 -11.58 8.27
SE MSE A 80 13.33 -11.34 6.77
CE MSE A 80 14.59 -11.97 5.37
N GLU A 81 13.03 -9.59 12.10
CA GLU A 81 12.29 -9.42 13.34
C GLU A 81 12.94 -8.28 14.13
N PHE A 82 12.16 -7.59 14.97
CA PHE A 82 12.64 -6.41 15.73
C PHE A 82 11.68 -5.95 16.83
N GLY A 83 12.21 -5.37 17.91
CA GLY A 83 11.41 -4.86 19.05
C GLY A 83 10.97 -3.40 18.95
N GLU A 84 10.21 -2.96 19.95
CA GLU A 84 9.67 -1.59 19.99
C GLU A 84 10.71 -0.49 19.89
N ASP A 85 11.86 -0.70 20.50
CA ASP A 85 12.90 0.33 20.55
C ASP A 85 13.76 0.39 19.29
N LEU A 86 13.50 -0.45 18.30
CA LEU A 86 14.05 -0.23 16.96
C LEU A 86 12.96 0.35 16.10
N THR A 87 13.14 1.62 15.76
CA THR A 87 12.14 2.45 15.12
C THR A 87 12.58 2.96 13.73
N GLU A 88 13.86 2.80 13.38
CA GLU A 88 14.33 3.05 12.01
C GLU A 88 15.64 2.35 11.79
N PHE A 89 15.95 2.04 10.53
CA PHE A 89 17.30 1.65 10.17
C PHE A 89 18.04 2.96 9.86
N PRO A 90 19.23 3.15 10.47
CA PRO A 90 19.87 4.47 10.38
C PRO A 90 20.54 4.77 9.04
N ASP A 91 20.92 6.03 8.87
CA ASP A 91 21.55 6.54 7.66
C ASP A 91 23.05 6.57 7.91
N ILE A 92 23.70 5.41 7.75
CA ILE A 92 25.14 5.27 7.99
C ILE A 92 25.93 5.27 6.70
N SER A 93 27.19 5.63 6.80
CA SER A 93 28.05 5.78 5.62
C SER A 93 28.86 4.53 5.28
N THR A 94 28.67 3.44 6.02
CA THR A 94 29.44 2.21 5.80
C THR A 94 28.77 1.17 4.92
N ILE A 95 27.68 1.51 4.23
CA ILE A 95 27.03 0.58 3.28
C ILE A 95 26.85 1.25 1.90
N PRO A 96 27.96 1.63 1.25
CA PRO A 96 27.89 2.49 0.06
C PRO A 96 27.09 1.93 -1.12
N HIS A 97 27.06 0.61 -1.28
CA HIS A 97 26.40 -0.02 -2.42
C HIS A 97 25.02 -0.65 -2.12
N LEU A 98 24.40 -0.26 -1.00
CA LEU A 98 23.09 -0.80 -0.61
C LEU A 98 22.03 -0.51 -1.67
N ASN A 99 21.42 -1.58 -2.19
CA ASN A 99 20.33 -1.52 -3.19
C ASN A 99 18.94 -1.70 -2.59
N THR A 100 18.84 -2.44 -1.48
CA THR A 100 17.55 -2.85 -0.96
C THR A 100 17.52 -2.76 0.55
N LEU A 101 16.46 -2.14 1.07
CA LEU A 101 16.17 -2.16 2.49
C LEU A 101 14.83 -2.88 2.63
N PHE A 102 14.76 -3.88 3.51
CA PHE A 102 13.53 -4.68 3.72
C PHE A 102 13.24 -4.93 5.21
N PHE A 103 12.15 -4.33 5.70
CA PHE A 103 11.52 -4.79 6.96
C PHE A 103 10.44 -5.81 6.62
N ASN A 104 10.54 -6.97 7.23
CA ASN A 104 9.53 -8.01 7.15
C ASN A 104 8.35 -7.52 8.00
N THR A 105 7.14 -7.99 7.74
CA THR A 105 5.99 -7.54 8.52
C THR A 105 5.99 -8.31 9.84
N PRO A 106 5.59 -7.67 10.96
CA PRO A 106 5.63 -8.45 12.21
C PRO A 106 4.63 -9.61 12.26
N PRO A 107 4.76 -10.48 13.27
CA PRO A 107 3.77 -11.54 13.51
C PRO A 107 2.35 -11.04 13.75
N GLU A 108 1.41 -11.96 13.83
CA GLU A 108 0.00 -11.63 14.01
C GLU A 108 -0.26 -10.95 15.37
N GLY A 109 -0.98 -9.82 15.32
CA GLY A 109 -1.33 -9.03 16.49
C GLY A 109 -0.14 -8.42 17.21
N VAL A 110 0.92 -8.09 16.45
CA VAL A 110 2.13 -7.48 16.98
C VAL A 110 2.34 -6.12 16.29
N THR A 111 2.22 -5.06 17.09
CA THR A 111 2.30 -3.69 16.59
C THR A 111 3.73 -3.16 16.70
N ARG A 112 4.32 -2.78 15.55
CA ARG A 112 5.56 -2.02 15.54
C ARG A 112 5.40 -0.68 14.82
N ASN A 113 6.18 0.31 15.26
CA ASN A 113 6.26 1.60 14.59
C ASN A 113 7.60 1.78 13.89
N LEU A 114 7.58 2.41 12.70
CA LEU A 114 8.77 2.75 11.93
C LEU A 114 8.71 4.15 11.30
N SER A 115 9.83 4.88 11.32
CA SER A 115 9.98 6.10 10.55
C SER A 115 10.86 5.80 9.36
N LEU A 116 10.82 6.67 8.36
CA LEU A 116 11.63 6.53 7.16
C LEU A 116 12.44 7.81 6.96
N PRO A 117 13.77 7.77 7.24
CA PRO A 117 14.64 8.92 6.96
C PRO A 117 14.69 9.35 5.49
N ASP A 118 15.10 10.59 5.26
CA ASP A 118 15.41 11.06 3.91
C ASP A 118 16.87 10.64 3.68
N TYR A 119 17.08 9.39 3.33
CA TYR A 119 18.43 8.79 3.29
C TYR A 119 19.38 9.45 2.28
N GLN A 120 20.55 9.86 2.78
CA GLN A 120 21.60 10.47 1.97
C GLN A 120 22.75 9.52 1.60
N ASN A 121 23.01 8.50 2.45
CA ASN A 121 24.17 7.60 2.26
C ASN A 121 23.93 6.34 1.43
N TYR A 122 22.70 6.14 0.94
CA TYR A 122 22.38 5.02 0.05
C TYR A 122 21.92 5.56 -1.33
N PRO A 123 22.86 6.17 -2.11
CA PRO A 123 22.50 6.71 -3.44
C PRO A 123 22.22 5.65 -4.52
N GLU A 124 22.56 4.39 -4.27
CA GLU A 124 22.30 3.31 -5.23
C GLU A 124 21.03 2.49 -4.91
N MSE A 125 20.20 2.99 -3.98
CA MSE A 125 19.01 2.30 -3.47
C MSE A 125 17.99 2.18 -4.56
O MSE A 125 17.77 3.13 -5.32
CB MSE A 125 18.47 3.09 -2.27
CG MSE A 125 17.26 2.48 -1.59
SE MSE A 125 17.78 1.02 -0.38
CE MSE A 125 17.40 2.02 1.27
N VAL A 126 17.40 1.00 -4.66
CA VAL A 126 16.40 0.66 -5.69
C VAL A 126 15.05 0.28 -5.08
N THR A 127 15.01 -0.39 -3.94
CA THR A 127 13.78 -0.94 -3.38
C THR A 127 13.70 -0.73 -1.87
N ILE A 128 12.54 -0.30 -1.39
CA ILE A 128 12.30 -0.15 0.05
C ILE A 128 10.95 -0.76 0.38
N THR A 129 10.91 -1.50 1.49
CA THR A 129 9.74 -2.23 1.88
C THR A 129 9.61 -2.11 3.39
N MSE A 130 8.60 -1.38 3.86
CA MSE A 130 8.36 -1.24 5.30
C MSE A 130 7.00 -1.66 5.77
O MSE A 130 6.62 -1.41 6.95
CB MSE A 130 8.62 0.21 5.57
CG MSE A 130 10.14 0.37 5.64
SE MSE A 130 10.47 2.28 5.70
CE MSE A 130 10.16 2.43 7.64
N SER A 131 6.30 -2.37 4.89
CA SER A 131 4.91 -2.69 5.05
C SER A 131 4.66 -3.44 6.35
N GLY A 132 3.50 -3.23 6.96
CA GLY A 132 3.10 -3.99 8.15
C GLY A 132 3.36 -3.31 9.47
N SER A 133 4.05 -2.17 9.43
CA SER A 133 4.34 -1.37 10.62
C SER A 133 3.75 0.05 10.49
N ASN A 134 3.21 0.57 11.59
CA ASN A 134 2.64 1.93 11.60
C ASN A 134 3.72 2.93 11.22
N LEU A 135 3.46 3.78 10.23
CA LEU A 135 4.41 4.82 9.88
C LEU A 135 4.36 5.93 10.94
N ILE A 136 5.53 6.32 11.46
CA ILE A 136 5.67 7.47 12.35
C ILE A 136 5.98 8.65 11.45
N GLY A 137 5.22 9.72 11.65
CA GLY A 137 5.21 10.86 10.76
C GLY A 137 4.72 10.53 9.35
N ALA A 138 5.54 11.00 8.40
CA ALA A 138 5.17 11.11 7.00
C ALA A 138 6.26 10.55 6.13
N ILE A 139 5.94 10.44 4.85
CA ILE A 139 6.91 9.96 3.89
C ILE A 139 7.68 11.17 3.43
N PRO A 140 9.01 11.12 3.52
CA PRO A 140 9.75 12.28 3.05
C PRO A 140 9.74 12.32 1.52
N ASP A 141 9.78 13.54 0.99
CA ASP A 141 9.98 13.77 -0.42
C ASP A 141 11.48 13.59 -0.75
N PHE A 142 11.85 12.36 -1.08
CA PHE A 142 13.24 11.88 -1.07
C PHE A 142 14.18 12.71 -1.93
N THR A 143 15.33 13.10 -1.36
CA THR A 143 16.36 13.91 -2.05
C THR A 143 17.59 13.11 -2.50
N GLY A 144 17.89 12.01 -1.82
CA GLY A 144 19.18 11.31 -1.97
C GLY A 144 19.17 9.91 -2.54
N MSE A 145 18.08 9.54 -3.20
CA MSE A 145 17.91 8.20 -3.79
C MSE A 145 17.43 8.36 -5.21
O MSE A 145 16.31 7.96 -5.54
CB MSE A 145 16.95 7.37 -2.93
CG MSE A 145 17.48 7.32 -1.51
SE MSE A 145 16.64 5.91 -0.44
CE MSE A 145 15.05 6.86 0.25
N PRO A 146 18.28 8.92 -6.08
CA PRO A 146 17.89 9.23 -7.47
C PRO A 146 17.52 8.03 -8.35
N ASP A 147 17.90 6.81 -7.94
CA ASP A 147 17.58 5.57 -8.67
C ASP A 147 16.47 4.71 -8.03
N LEU A 148 15.74 5.23 -7.04
CA LEU A 148 14.70 4.46 -6.36
C LEU A 148 13.61 4.10 -7.35
N SER A 149 13.36 2.79 -7.54
CA SER A 149 12.32 2.30 -8.47
C SER A 149 11.14 1.49 -7.90
N GLN A 150 11.21 1.04 -6.64
CA GLN A 150 10.09 0.33 -6.02
C GLN A 150 9.91 0.78 -4.58
N LEU A 151 8.68 0.98 -4.12
CA LEU A 151 8.44 1.43 -2.75
C LEU A 151 7.18 0.81 -2.18
N TYR A 152 7.34 -0.01 -1.14
CA TYR A 152 6.22 -0.79 -0.58
C TYR A 152 5.90 -0.32 0.82
N MSE A 153 4.77 0.35 0.97
CA MSE A 153 4.41 0.96 2.24
C MSE A 153 2.99 0.61 2.60
O MSE A 153 2.21 1.48 3.00
CB MSE A 153 4.53 2.45 2.02
CG MSE A 153 5.83 2.92 1.36
SE MSE A 153 7.07 3.29 2.82
CE MSE A 153 6.42 5.11 3.10
N ALA A 154 2.63 -0.67 2.49
CA ALA A 154 1.27 -1.11 2.74
C ALA A 154 1.04 -1.42 4.21
N ASP A 155 -0.20 -1.32 4.68
CA ASP A 155 -0.55 -1.69 6.05
C ASP A 155 0.20 -0.89 7.12
N MSE A 156 0.39 0.41 6.85
CA MSE A 156 1.14 1.27 7.76
C MSE A 156 0.30 2.36 8.42
O MSE A 156 0.86 3.20 9.09
CB MSE A 156 2.31 1.92 7.01
CG MSE A 156 3.20 0.91 6.31
SE MSE A 156 4.88 1.76 5.77
CE MSE A 156 5.82 1.83 7.49
N MSE A 157 -1.02 2.35 8.24
CA MSE A 157 -1.88 3.44 8.73
C MSE A 157 -1.54 4.79 8.14
O MSE A 157 -1.68 5.81 8.79
CB MSE A 157 -1.93 3.52 10.26
CG MSE A 157 -2.28 2.16 10.84
SE MSE A 157 -2.79 2.37 12.72
CE MSE A 157 -3.13 0.45 13.07
N ILE A 158 -1.14 4.79 6.87
CA ILE A 158 -0.82 6.01 6.12
C ILE A 158 -2.07 6.82 5.81
N THR A 159 -1.99 8.15 6.02
CA THR A 159 -3.06 9.09 5.63
C THR A 159 -2.55 10.02 4.52
N SER A 160 -3.48 10.75 3.88
CA SER A 160 -3.20 11.56 2.68
C SER A 160 -2.14 12.63 2.92
N ASP A 161 -2.18 13.23 4.11
CA ASP A 161 -1.14 14.16 4.59
C ASP A 161 0.29 13.56 4.71
N ASP A 162 0.41 12.23 4.82
CA ASP A 162 1.71 11.54 4.82
C ASP A 162 2.36 11.39 3.43
N VAL A 163 1.59 11.57 2.36
CA VAL A 163 2.09 11.33 1.01
C VAL A 163 2.40 12.63 0.26
N PRO A 164 3.69 12.88 -0.04
CA PRO A 164 4.08 14.09 -0.79
C PRO A 164 4.02 13.86 -2.28
N ASP A 165 4.04 14.94 -3.07
CA ASP A 165 4.12 14.80 -4.52
C ASP A 165 5.58 14.64 -4.93
N PHE A 166 6.03 13.39 -4.95
CA PHE A 166 7.46 13.07 -5.02
C PHE A 166 8.19 13.74 -6.19
N HIS A 167 9.15 14.61 -5.86
CA HIS A 167 9.86 15.44 -6.86
C HIS A 167 11.15 14.81 -7.39
N THR A 168 11.88 14.12 -6.52
CA THR A 168 13.25 13.72 -6.81
C THR A 168 13.45 12.19 -6.88
N ILE A 169 12.42 11.49 -7.35
CA ILE A 169 12.49 10.04 -7.65
C ILE A 169 11.80 9.71 -9.00
N PRO A 170 12.29 10.30 -10.10
CA PRO A 170 11.68 10.13 -11.44
C PRO A 170 11.70 8.73 -12.05
N LYS A 171 12.53 7.83 -11.53
CA LYS A 171 12.67 6.47 -12.06
C LYS A 171 11.76 5.43 -11.37
N LEU A 172 10.84 5.87 -10.52
CA LEU A 172 9.99 4.96 -9.75
C LEU A 172 9.01 4.28 -10.68
N SER A 173 8.99 2.93 -10.69
CA SER A 173 7.99 2.18 -11.46
C SER A 173 6.92 1.47 -10.63
N THR A 174 7.13 1.24 -9.33
CA THR A 174 6.14 0.55 -8.50
C THR A 174 5.94 1.26 -7.17
N LEU A 175 4.69 1.45 -6.78
CA LEU A 175 4.36 2.12 -5.53
C LEU A 175 3.14 1.48 -4.86
N ASP A 176 3.34 0.91 -3.69
CA ASP A 176 2.31 0.13 -3.03
C ASP A 176 1.89 0.85 -1.76
N LEU A 177 0.66 1.34 -1.76
CA LEU A 177 0.10 2.06 -0.60
C LEU A 177 -1.21 1.40 -0.13
N SER A 178 -1.33 0.10 -0.40
CA SER A 178 -2.54 -0.65 -0.11
C SER A 178 -2.71 -0.83 1.39
N HIS A 179 -3.91 -1.13 1.84
CA HIS A 179 -4.18 -1.39 3.27
C HIS A 179 -3.83 -0.21 4.20
N ASN A 180 -4.03 1.00 3.70
CA ASN A 180 -3.85 2.21 4.48
C ASN A 180 -5.21 2.91 4.52
N GLN A 181 -5.31 4.11 5.09
CA GLN A 181 -6.60 4.85 5.08
C GLN A 181 -6.51 6.16 4.31
N LEU A 182 -6.04 6.04 3.07
CA LEU A 182 -6.00 7.15 2.12
C LEU A 182 -7.40 7.55 1.67
N THR A 183 -7.73 8.85 1.83
CA THR A 183 -8.99 9.45 1.34
C THR A 183 -8.82 10.23 0.02
N ASN A 184 -7.59 10.63 -0.28
CA ASN A 184 -7.27 11.46 -1.44
C ASN A 184 -5.82 11.22 -1.82
N LEU A 185 -5.46 11.54 -3.06
CA LEU A 185 -4.08 11.37 -3.51
C LEU A 185 -3.57 12.58 -4.30
N PRO A 186 -2.31 12.98 -4.07
CA PRO A 186 -1.63 13.95 -4.93
C PRO A 186 -1.66 13.57 -6.42
N ASP A 187 -1.87 14.54 -7.28
CA ASP A 187 -1.76 14.33 -8.72
C ASP A 187 -0.28 14.39 -9.04
N PHE A 188 0.36 13.23 -9.19
CA PHE A 188 1.81 13.17 -9.25
C PHE A 188 2.35 13.77 -10.55
N GLN A 189 3.35 14.63 -10.41
CA GLN A 189 3.89 15.40 -11.52
C GLN A 189 5.20 14.85 -12.12
N ASN A 190 6.05 14.19 -11.33
CA ASN A 190 7.28 13.61 -11.87
C ASN A 190 7.44 12.10 -11.56
N LEU A 191 6.34 11.35 -11.73
CA LEU A 191 6.35 9.88 -11.73
C LEU A 191 6.03 9.38 -13.12
N THR A 192 6.75 9.91 -14.12
CA THR A 192 6.43 9.66 -15.53
C THR A 192 6.77 8.24 -16.00
N ASN A 193 7.51 7.50 -15.19
CA ASN A 193 7.83 6.09 -15.46
C ASN A 193 7.14 5.11 -14.51
N LEU A 194 6.20 5.58 -13.68
CA LEU A 194 5.45 4.69 -12.78
C LEU A 194 4.60 3.76 -13.60
N ALA A 195 4.73 2.46 -13.35
CA ALA A 195 3.97 1.42 -14.03
C ALA A 195 2.85 0.85 -13.17
N GLU A 196 3.13 0.61 -11.89
CA GLU A 196 2.18 -0.05 -10.99
C GLU A 196 1.93 0.82 -9.78
N LEU A 197 0.66 1.01 -9.47
CA LEU A 197 0.28 1.80 -8.30
C LEU A 197 -0.79 1.00 -7.60
N ASN A 198 -0.49 0.55 -6.40
CA ASN A 198 -1.44 -0.27 -5.67
C ASN A 198 -2.08 0.56 -4.57
N LEU A 199 -3.39 0.80 -4.69
CA LEU A 199 -4.17 1.54 -3.69
C LEU A 199 -5.37 0.76 -3.15
N SER A 200 -5.33 -0.57 -3.25
CA SER A 200 -6.39 -1.42 -2.71
C SER A 200 -6.52 -1.32 -1.18
N PHE A 201 -7.69 -1.66 -0.66
CA PHE A 201 -8.01 -1.55 0.78
C PHE A 201 -7.62 -0.19 1.38
N ASN A 202 -8.24 0.85 0.83
CA ASN A 202 -8.11 2.20 1.33
C ASN A 202 -9.52 2.77 1.53
N ASN A 203 -9.63 4.09 1.69
CA ASN A 203 -10.88 4.77 1.95
C ASN A 203 -11.23 5.80 0.85
N LEU A 204 -10.83 5.52 -0.39
CA LEU A 204 -11.15 6.41 -1.50
C LEU A 204 -12.66 6.36 -1.79
N THR A 205 -13.34 7.49 -1.62
CA THR A 205 -14.77 7.55 -1.62
C THR A 205 -15.28 8.53 -2.69
N ASN A 206 -16.38 8.15 -3.36
CA ASN A 206 -16.98 8.91 -4.45
C ASN A 206 -16.07 9.02 -5.68
N THR A 207 -15.08 9.90 -5.63
CA THR A 207 -14.17 10.12 -6.75
C THR A 207 -12.80 10.36 -6.17
N MSE A 208 -11.81 10.42 -7.05
CA MSE A 208 -10.41 10.63 -6.67
C MSE A 208 -9.74 11.41 -7.77
O MSE A 208 -10.34 11.67 -8.81
CB MSE A 208 -9.74 9.26 -6.47
CG MSE A 208 -9.38 8.59 -7.80
SE MSE A 208 -8.63 6.77 -7.64
CE MSE A 208 -6.74 7.38 -7.61
N THR A 209 -8.49 11.73 -7.54
CA THR A 209 -7.64 12.43 -8.48
C THR A 209 -7.54 11.78 -9.85
N ASN A 210 -7.86 12.53 -10.89
CA ASN A 210 -7.83 12.02 -12.25
C ASN A 210 -6.45 12.29 -12.83
N PHE A 211 -5.55 11.33 -12.66
CA PHE A 211 -4.10 11.56 -12.86
C PHE A 211 -3.72 12.08 -14.25
N THR A 212 -3.11 13.26 -14.29
CA THR A 212 -2.77 13.95 -15.55
C THR A 212 -1.45 13.51 -16.21
N ASN A 213 -0.49 13.06 -15.40
CA ASN A 213 0.88 12.88 -15.86
C ASN A 213 1.52 11.55 -15.46
N LEU A 214 0.75 10.46 -15.53
CA LEU A 214 1.27 9.11 -15.28
C LEU A 214 1.46 8.38 -16.62
N SER A 215 2.41 8.89 -17.40
CA SER A 215 2.68 8.45 -18.79
C SER A 215 2.92 6.96 -19.02
N ASN A 216 3.32 6.21 -17.99
CA ASN A 216 3.68 4.81 -18.18
C ASN A 216 2.87 3.83 -17.33
N LEU A 217 1.71 4.25 -16.83
CA LEU A 217 0.90 3.42 -15.93
C LEU A 217 0.21 2.26 -16.68
N ASN A 218 0.38 1.05 -16.16
CA ASN A 218 -0.26 -0.18 -16.64
C ASN A 218 -1.27 -0.78 -15.67
N ASN A 219 -1.13 -0.46 -14.38
CA ASN A 219 -1.85 -1.16 -13.33
C ASN A 219 -2.14 -0.23 -12.18
N LEU A 220 -3.41 0.09 -11.98
CA LEU A 220 -3.87 0.91 -10.89
C LEU A 220 -4.85 0.07 -10.10
N ASN A 221 -4.38 -0.52 -9.02
CA ASN A 221 -5.23 -1.38 -8.24
C ASN A 221 -6.11 -0.55 -7.32
N LEU A 222 -7.42 -0.57 -7.58
CA LEU A 222 -8.38 0.14 -6.75
C LEU A 222 -9.34 -0.78 -5.99
N ASP A 223 -9.08 -2.09 -5.97
CA ASP A 223 -9.91 -3.07 -5.28
C ASP A 223 -10.20 -2.65 -3.82
N TYR A 224 -11.39 -2.95 -3.32
CA TYR A 224 -11.78 -2.63 -1.94
C TYR A 224 -11.65 -1.15 -1.54
N ASN A 225 -12.20 -0.29 -2.39
CA ASN A 225 -12.36 1.15 -2.11
C ASN A 225 -13.86 1.50 -2.28
N HIS A 226 -14.20 2.79 -2.22
CA HIS A 226 -15.60 3.19 -2.22
C HIS A 226 -15.94 4.20 -3.31
N LEU A 227 -15.43 3.99 -4.52
CA LEU A 227 -15.65 4.94 -5.62
C LEU A 227 -17.00 4.74 -6.32
N ASN A 228 -17.66 5.87 -6.63
CA ASN A 228 -18.83 5.90 -7.49
C ASN A 228 -18.43 6.09 -8.94
N GLU A 229 -17.21 6.56 -9.17
CA GLU A 229 -16.77 6.91 -10.51
C GLU A 229 -15.26 6.83 -10.54
N LEU A 230 -14.77 6.32 -11.67
CA LEU A 230 -13.36 6.08 -11.87
C LEU A 230 -12.69 7.20 -12.68
N PRO A 231 -11.42 7.51 -12.37
CA PRO A 231 -10.68 8.54 -13.10
C PRO A 231 -10.43 8.16 -14.57
N SER A 232 -11.11 8.89 -15.47
CA SER A 232 -11.11 8.64 -16.92
C SER A 232 -9.73 8.56 -17.62
N ASN A 233 -8.74 9.29 -17.11
CA ASN A 233 -7.38 9.33 -17.74
C ASN A 233 -6.59 8.03 -17.64
N VAL A 234 -6.97 7.17 -16.70
CA VAL A 234 -6.22 5.95 -16.42
C VAL A 234 -7.14 4.74 -16.39
N LEU A 235 -8.22 4.80 -17.16
CA LEU A 235 -9.26 3.79 -17.07
C LEU A 235 -8.72 2.43 -17.47
N ASN A 236 -8.00 2.36 -18.59
CA ASN A 236 -7.44 1.08 -19.11
C ASN A 236 -6.65 0.29 -18.07
N SER A 237 -5.92 1.03 -17.23
CA SER A 237 -5.07 0.46 -16.22
C SER A 237 -5.79 0.02 -14.95
N ILE A 238 -7.10 0.24 -14.82
CA ILE A 238 -7.75 -0.08 -13.54
C ILE A 238 -8.04 -1.57 -13.42
N PHE A 239 -7.92 -2.06 -12.18
CA PHE A 239 -8.44 -3.35 -11.76
C PHE A 239 -9.34 -3.13 -10.56
N ILE A 240 -10.60 -3.54 -10.68
CA ILE A 240 -11.51 -3.61 -9.53
C ILE A 240 -12.30 -4.89 -9.72
N GLU A 241 -12.43 -5.63 -8.62
CA GLU A 241 -13.42 -6.69 -8.52
C GLU A 241 -14.39 -6.44 -7.38
N ASN A 242 -13.92 -5.84 -6.30
CA ASN A 242 -14.78 -5.51 -5.17
C ASN A 242 -14.77 -4.00 -4.91
N GLN A 243 -15.90 -3.49 -4.43
CA GLN A 243 -16.08 -2.06 -4.20
C GLN A 243 -17.35 -1.90 -3.38
N SER A 244 -17.36 -1.01 -2.40
CA SER A 244 -18.52 -0.84 -1.54
C SER A 244 -18.73 0.64 -1.37
N GLY A 245 -19.96 1.11 -1.60
CA GLY A 245 -20.25 2.54 -1.45
C GLY A 245 -21.69 2.85 -1.18
N THR A 246 -21.99 4.13 -1.22
CA THR A 246 -23.36 4.60 -1.23
C THR A 246 -23.59 5.56 -2.38
N VAL A 247 -24.87 5.74 -2.66
CA VAL A 247 -25.33 6.68 -3.63
C VAL A 247 -26.34 7.54 -2.82
N PRO A 248 -26.65 8.76 -3.32
CA PRO A 248 -27.48 9.61 -2.47
C PRO A 248 -28.91 9.09 -2.26
N ASP A 249 -29.43 9.35 -1.07
CA ASP A 249 -30.79 8.97 -0.70
C ASP A 249 -31.80 9.68 -1.59
N GLN A 250 -33.00 9.11 -1.72
CA GLN A 250 -34.04 9.66 -2.60
C GLN A 250 -35.41 9.59 -1.97
N ILE A 251 -36.28 10.48 -2.45
CA ILE A 251 -37.69 10.48 -2.11
C ILE A 251 -38.48 10.38 -3.44
N ILE A 252 -39.36 9.38 -3.54
CA ILE A 252 -40.22 9.20 -4.73
C ILE A 252 -41.67 9.07 -4.30
N LYS A 253 -42.57 9.35 -5.23
CA LYS A 253 -44.00 9.19 -5.00
C LYS A 253 -44.39 7.76 -5.38
N GLN A 254 -45.24 7.16 -4.54
CA GLN A 254 -45.74 5.80 -4.73
C GLN A 254 -46.12 5.54 -6.19
N GLY A 255 -45.68 4.41 -6.72
CA GLY A 255 -45.94 4.06 -8.11
C GLY A 255 -44.85 4.44 -9.10
N GLU A 256 -43.87 5.24 -8.67
CA GLU A 256 -42.76 5.64 -9.55
C GLU A 256 -41.58 4.66 -9.45
N THR A 257 -40.79 4.62 -10.50
CA THR A 257 -39.53 3.90 -10.52
C THR A 257 -38.43 4.73 -9.83
N CYS A 258 -37.32 4.07 -9.49
CA CYS A 258 -36.15 4.74 -8.92
C CYS A 258 -34.95 4.57 -9.84
N THR A 259 -34.34 5.69 -10.22
CA THR A 259 -33.14 5.67 -11.03
C THR A 259 -31.98 6.26 -10.23
N ILE A 260 -30.81 5.59 -10.31
CA ILE A 260 -29.59 6.07 -9.66
C ILE A 260 -28.50 6.25 -10.70
N GLN A 261 -27.54 7.13 -10.42
CA GLN A 261 -26.36 7.30 -11.27
C GLN A 261 -25.25 6.45 -10.65
N LEU A 262 -24.47 5.77 -11.50
CA LEU A 262 -23.38 4.90 -11.03
C LEU A 262 -22.38 4.64 -12.16
N PRO A 263 -21.58 5.67 -12.52
CA PRO A 263 -20.66 5.56 -13.67
C PRO A 263 -19.65 4.40 -13.59
N ILE A 264 -19.28 3.99 -12.38
CA ILE A 264 -18.33 2.87 -12.17
C ILE A 264 -18.77 1.59 -12.90
N TYR A 265 -20.06 1.26 -12.85
CA TYR A 265 -20.56 0.09 -13.55
C TYR A 265 -20.20 0.10 -15.03
N PHE A 266 -20.50 1.22 -15.69
CA PHE A 266 -20.41 1.30 -17.16
C PHE A 266 -18.99 1.54 -17.60
N GLN A 267 -18.22 2.18 -16.71
CA GLN A 267 -16.80 2.31 -16.87
C GLN A 267 -16.13 0.93 -16.83
N LEU A 268 -16.45 0.14 -15.81
CA LEU A 268 -15.91 -1.23 -15.69
C LEU A 268 -16.34 -2.10 -16.86
N ALA A 269 -17.62 -1.97 -17.24
CA ALA A 269 -18.18 -2.68 -18.39
C ALA A 269 -17.38 -2.35 -19.65
N GLU A 270 -17.19 -1.06 -19.89
CA GLU A 270 -16.44 -0.56 -21.06
C GLU A 270 -15.05 -1.16 -21.18
N ILE A 271 -14.40 -1.38 -20.04
CA ILE A 271 -13.02 -1.84 -19.98
C ILE A 271 -12.88 -3.39 -19.82
N ASN A 272 -14.01 -4.10 -19.99
CA ASN A 272 -14.10 -5.55 -19.90
C ASN A 272 -13.58 -6.05 -18.57
N MSE A 273 -14.05 -5.43 -17.51
CA MSE A 273 -13.62 -5.74 -16.15
C MSE A 273 -14.79 -6.18 -15.32
O MSE A 273 -14.69 -6.27 -14.10
CB MSE A 273 -12.92 -4.45 -15.66
CG MSE A 273 -12.21 -4.45 -14.30
SE MSE A 273 -10.79 -5.80 -14.15
CE MSE A 273 -10.00 -5.83 -15.96
N LEU A 274 -15.91 -6.47 -15.96
CA LEU A 274 -17.04 -7.05 -15.25
C LEU A 274 -16.99 -8.55 -15.47
N VAL A 275 -16.78 -9.30 -14.39
CA VAL A 275 -16.82 -10.77 -14.43
C VAL A 275 -18.22 -11.25 -14.85
N ASN A 276 -19.23 -10.54 -14.35
CA ASN A 276 -20.63 -10.93 -14.46
C ASN A 276 -21.45 -9.61 -14.64
N PRO A 277 -21.91 -9.34 -15.88
CA PRO A 277 -22.72 -8.15 -16.19
C PRO A 277 -23.99 -7.90 -15.36
N THR A 278 -24.56 -8.93 -14.71
CA THR A 278 -25.91 -8.76 -14.15
C THR A 278 -25.86 -7.87 -12.92
N VAL A 279 -26.88 -7.02 -12.80
CA VAL A 279 -27.09 -6.14 -11.66
C VAL A 279 -28.38 -6.53 -10.93
N LEU A 280 -28.29 -6.70 -9.63
CA LEU A 280 -29.41 -7.12 -8.78
C LEU A 280 -29.78 -6.01 -7.79
N GLY A 281 -30.84 -5.29 -8.10
CA GLY A 281 -31.42 -4.33 -7.16
C GLY A 281 -32.34 -5.00 -6.18
N SER A 282 -32.25 -4.59 -4.90
CA SER A 282 -32.98 -5.25 -3.84
C SER A 282 -33.05 -4.40 -2.60
N TYR A 283 -34.14 -4.49 -1.86
CA TYR A 283 -34.25 -3.82 -0.57
C TYR A 283 -34.28 -4.84 0.55
N SER A 284 -33.97 -4.38 1.76
CA SER A 284 -33.81 -5.25 2.94
C SER A 284 -35.14 -5.59 3.64
N ALA A 285 -35.20 -6.82 4.15
CA ALA A 285 -36.28 -7.27 5.05
C ALA A 285 -35.76 -8.48 5.85
N ASP A 286 -36.65 -9.28 6.44
CA ASP A 286 -36.25 -10.55 7.08
C ASP A 286 -35.38 -11.36 6.13
N ILE A 287 -35.89 -11.56 4.91
CA ILE A 287 -35.10 -11.98 3.75
C ILE A 287 -35.19 -10.85 2.72
N PRO A 288 -34.04 -10.42 2.15
CA PRO A 288 -34.07 -9.31 1.19
C PRO A 288 -34.92 -9.60 -0.05
N VAL A 289 -35.59 -8.56 -0.53
CA VAL A 289 -36.59 -8.65 -1.61
C VAL A 289 -36.01 -8.06 -2.90
N GLU A 290 -35.98 -8.88 -3.95
CA GLU A 290 -35.45 -8.47 -5.25
C GLU A 290 -36.50 -7.64 -5.98
N VAL A 291 -36.03 -6.91 -7.00
CA VAL A 291 -36.86 -5.97 -7.76
C VAL A 291 -36.26 -5.87 -9.17
N VAL A 292 -37.10 -5.73 -10.19
CA VAL A 292 -36.63 -5.76 -11.58
C VAL A 292 -35.67 -4.61 -11.82
N THR A 293 -34.61 -4.87 -12.60
CA THR A 293 -33.49 -3.96 -12.63
C THR A 293 -32.85 -3.89 -14.02
N THR A 294 -32.70 -2.68 -14.56
CA THR A 294 -32.24 -2.47 -15.94
C THR A 294 -31.19 -1.38 -16.01
N THR A 295 -30.39 -1.39 -17.08
CA THR A 295 -29.28 -0.46 -17.22
C THR A 295 -29.35 0.33 -18.51
N ASN A 296 -29.27 1.66 -18.41
CA ASN A 296 -29.10 2.54 -19.58
C ASN A 296 -27.68 3.11 -19.67
N ALA A 297 -26.97 2.72 -20.72
CA ALA A 297 -25.58 3.09 -20.93
C ALA A 297 -25.38 4.56 -21.28
N ASP A 298 -26.29 5.13 -22.07
CA ASP A 298 -26.16 6.53 -22.48
C ASP A 298 -26.21 7.52 -21.31
N THR A 299 -27.07 7.27 -20.33
CA THR A 299 -27.16 8.09 -19.13
C THR A 299 -26.33 7.57 -17.95
N GLU A 300 -25.63 6.43 -18.14
CA GLU A 300 -24.89 5.76 -17.08
C GLU A 300 -25.70 5.66 -15.79
N SER A 301 -26.96 5.26 -15.96
CA SER A 301 -27.89 5.07 -14.85
C SER A 301 -28.43 3.64 -14.82
N ILE A 302 -28.88 3.26 -13.64
CA ILE A 302 -29.48 1.98 -13.38
C ILE A 302 -30.85 2.29 -12.81
N THR A 303 -31.90 1.65 -13.35
CA THR A 303 -33.27 1.85 -12.93
C THR A 303 -33.81 0.62 -12.21
N LEU A 304 -34.38 0.84 -11.03
CA LEU A 304 -35.03 -0.20 -10.26
C LEU A 304 -36.54 -0.01 -10.37
N ASP A 305 -37.26 -1.09 -10.69
CA ASP A 305 -38.72 -1.04 -10.72
C ASP A 305 -39.31 -1.02 -9.29
N THR A 306 -39.33 0.17 -8.70
CA THR A 306 -39.86 0.39 -7.34
C THR A 306 -41.36 0.71 -7.32
N SER A 307 -42.06 0.48 -8.44
CA SER A 307 -43.43 0.96 -8.60
C SER A 307 -44.51 0.18 -7.84
N GLU A 308 -44.19 -0.97 -7.25
CA GLU A 308 -45.19 -1.76 -6.54
C GLU A 308 -45.18 -1.56 -5.02
N LEU A 309 -44.30 -0.68 -4.53
CA LEU A 309 -44.06 -0.57 -3.09
C LEU A 309 -45.07 0.34 -2.39
N SER A 310 -45.54 -0.09 -1.22
CA SER A 310 -46.36 0.77 -0.34
C SER A 310 -45.49 1.85 0.33
N PRO A 311 -46.12 2.94 0.82
CA PRO A 311 -45.35 4.01 1.46
C PRO A 311 -44.50 3.50 2.61
N GLY A 312 -43.25 3.97 2.65
CA GLY A 312 -42.33 3.55 3.68
C GLY A 312 -40.89 3.95 3.43
N VAL A 313 -40.01 3.45 4.31
CA VAL A 313 -38.59 3.76 4.30
C VAL A 313 -37.87 2.46 4.00
N TYR A 314 -37.12 2.45 2.88
CA TYR A 314 -36.55 1.24 2.34
C TYR A 314 -35.02 1.32 2.22
N ASN A 315 -34.32 0.39 2.87
CA ASN A 315 -32.86 0.30 2.73
C ASN A 315 -32.54 -0.46 1.46
N PHE A 316 -32.19 0.26 0.40
CA PHE A 316 -31.91 -0.35 -0.90
C PHE A 316 -30.44 -0.66 -1.08
N ASN A 317 -30.16 -1.57 -2.01
CA ASN A 317 -28.84 -1.71 -2.59
C ASN A 317 -28.88 -2.25 -4.01
N VAL A 318 -27.80 -1.98 -4.71
CA VAL A 318 -27.51 -2.57 -6.00
C VAL A 318 -26.29 -3.45 -5.73
N GLN A 319 -26.20 -4.59 -6.43
CA GLN A 319 -25.06 -5.50 -6.37
C GLN A 319 -24.68 -5.93 -7.78
N PHE A 320 -23.39 -5.96 -8.07
CA PHE A 320 -22.93 -6.46 -9.35
C PHE A 320 -21.51 -7.01 -9.25
N ASN A 321 -21.02 -7.54 -10.37
CA ASN A 321 -19.76 -8.25 -10.43
C ASN A 321 -19.71 -9.40 -9.44
N ASP A 322 -20.85 -10.03 -9.14
CA ASP A 322 -20.90 -11.17 -8.23
C ASP A 322 -20.43 -12.45 -8.96
N ALA A 323 -19.38 -13.06 -8.42
CA ALA A 323 -18.87 -14.35 -8.89
C ALA A 323 -18.28 -15.11 -7.69
N TYR A 324 -19.16 -15.37 -6.71
CA TYR A 324 -18.81 -15.64 -5.29
C TYR A 324 -17.47 -16.29 -4.99
N PRO A 325 -17.15 -17.43 -5.62
CA PRO A 325 -15.85 -18.02 -5.25
C PRO A 325 -14.68 -17.03 -5.32
N ILE A 326 -14.46 -16.43 -6.50
CA ILE A 326 -13.24 -15.63 -6.73
C ILE A 326 -13.34 -14.12 -6.47
N THR A 327 -14.55 -13.55 -6.43
CA THR A 327 -14.70 -12.12 -6.09
C THR A 327 -14.54 -11.94 -4.57
N GLN A 328 -15.56 -12.31 -3.80
CA GLN A 328 -15.54 -12.34 -2.31
C GLN A 328 -16.46 -11.26 -1.68
N GLU A 329 -16.47 -10.06 -2.25
CA GLU A 329 -17.45 -9.01 -1.87
C GLU A 329 -18.37 -8.62 -3.03
N GLY A 330 -17.85 -8.60 -4.25
CA GLY A 330 -18.56 -8.05 -5.40
C GLY A 330 -18.54 -6.55 -5.26
N CYS A 331 -19.38 -5.86 -6.03
CA CYS A 331 -19.56 -4.41 -5.93
C CYS A 331 -20.91 -4.13 -5.29
N VAL A 332 -20.98 -3.26 -4.29
CA VAL A 332 -22.24 -2.96 -3.60
C VAL A 332 -22.40 -1.44 -3.45
N TYR A 333 -23.62 -0.93 -3.62
CA TYR A 333 -23.90 0.48 -3.36
C TYR A 333 -25.25 0.55 -2.69
N ASP A 334 -25.29 1.19 -1.52
CA ASP A 334 -26.51 1.31 -0.72
C ASP A 334 -27.11 2.73 -0.73
N TRP A 335 -28.41 2.82 -0.46
CA TRP A 335 -29.06 4.10 -0.16
C TRP A 335 -30.42 3.86 0.47
N VAL A 336 -30.92 4.89 1.16
CA VAL A 336 -32.25 4.88 1.73
C VAL A 336 -33.19 5.53 0.72
N LEU A 337 -34.29 4.84 0.40
CA LEU A 337 -35.36 5.36 -0.47
C LEU A 337 -36.67 5.52 0.32
N THR A 338 -37.14 6.76 0.43
CA THR A 338 -38.41 7.05 1.09
C THR A 338 -39.51 7.13 0.04
N VAL A 339 -40.57 6.34 0.25
CA VAL A 339 -41.74 6.34 -0.62
C VAL A 339 -42.89 6.97 0.17
N ASN A 340 -43.50 8.00 -0.41
CA ASN A 340 -44.69 8.66 0.16
C ASN A 340 -45.77 8.85 -0.91
#